data_7YJC
#
_entry.id   7YJC
#
_cell.length_a   44.610
_cell.length_b   71.200
_cell.length_c   78.719
_cell.angle_alpha   90.00
_cell.angle_beta   98.01
_cell.angle_gamma   90.00
#
_symmetry.space_group_name_H-M   'P 1 21 1'
#
loop_
_entity.id
_entity.type
_entity.pdbx_description
1 polymer 'Heparanase 50 kDa subunit'
2 polymer 'Heparanase 8 kDa subunit'
3 non-polymer '(5~{S},6~{R},7~{S},8~{S})-6,7,8-tris(oxidanyl)-5,6,7,8-tetrahydroimidazo[1,2-a]pyridine-5-carboxylic acid'
4 water water
#
loop_
_entity_poly.entity_id
_entity_poly.type
_entity_poly.pdbx_seq_one_letter_code
_entity_poly.pdbx_strand_id
1 'polypeptide(L)'
;KKFKNSTYSRSSVDVLYTFANCSGLDLIFGLNALLRTADLQWNSSNAQLLLDYCSSKGYNISWELGNEPNSFLKKADIFI
NGSQLGEDFIQLHKLLRKSTFKNAKLYGPDVGQPRRKTAKMLKSFLKAGGEVIDSVTWHHYYLNGRTATREDFLNPDVLD
IFISSVQKVFQVVESTRPGKKVWLGETSSAYGGGAPLLSDTFAAGFMWLDKLGLSARMGIEVVMRQVFFGAGNYHLVDEN
FDPLPDYWLSLLFKKLVGTKVLMASVQGSKRRKLRVYLHCTNTDNPRYKEGDLTLYAINLHNVTKYLRLPYPFSNKQVDK
YLLRPLGPHGLLSKSVQLNGLTLKMVDDQTLPPLMEKPLRPGSSLGLPAFSYSFFVIRNAKVAACI
;
A
2 'polypeptide(L)' QDVVDLDFFTQEPLHLVSPSFLSVTIDANLATDPRFLILLGSPKLRTLARGLSPAYLRFGGTKTDFLIFDPKKE B
#
# COMPACT_ATOMS: atom_id res chain seq x y z
N ASN A 5 -24.61 5.42 -11.95
CA ASN A 5 -23.74 6.59 -12.24
C ASN A 5 -24.09 7.77 -11.37
N SER A 6 -23.06 8.58 -11.09
CA SER A 6 -23.23 9.85 -10.38
C SER A 6 -22.33 10.87 -11.03
N THR A 7 -22.66 12.15 -10.86
CA THR A 7 -21.84 13.23 -11.39
C THR A 7 -20.92 13.80 -10.31
N TYR A 8 -19.76 14.33 -10.71
CA TYR A 8 -18.86 15.03 -9.77
C TYR A 8 -18.49 16.43 -10.26
N SER A 9 -17.99 17.25 -9.35
CA SER A 9 -17.80 18.65 -9.61
C SER A 9 -16.35 19.07 -9.67
N ARG A 10 -16.09 20.11 -10.45
CA ARG A 10 -14.83 20.82 -10.42
C ARG A 10 -14.49 21.15 -8.98
N SER A 11 -15.53 21.52 -8.22
CA SER A 11 -15.43 21.73 -6.79
C SER A 11 -14.80 20.51 -6.10
N SER A 12 -15.28 19.32 -6.44
CA SER A 12 -14.73 18.07 -5.90
C SER A 12 -13.25 17.89 -6.25
N VAL A 13 -12.90 18.14 -7.51
CA VAL A 13 -11.52 18.00 -7.98
C VAL A 13 -10.54 18.93 -7.24
N ASP A 14 -10.93 20.19 -7.09
CA ASP A 14 -10.10 21.19 -6.42
C ASP A 14 -9.76 20.76 -4.99
N VAL A 15 -10.77 20.31 -4.24
CA VAL A 15 -10.59 19.89 -2.85
C VAL A 15 -9.69 18.68 -2.75
N LEU A 16 -9.97 17.71 -3.62
CA LEU A 16 -9.22 16.47 -3.67
C LEU A 16 -7.76 16.72 -4.01
N TYR A 17 -7.52 17.61 -4.96
CA TYR A 17 -6.18 18.00 -5.31
C TYR A 17 -5.51 18.73 -4.16
N THR A 18 -6.20 19.73 -3.62
CA THR A 18 -5.58 20.59 -2.61
C THR A 18 -5.15 19.72 -1.44
N PHE A 19 -6.04 18.81 -1.04
CA PHE A 19 -5.73 17.83 0.02
C PHE A 19 -4.49 16.98 -0.30
N ALA A 20 -4.33 16.54 -1.54
CA ALA A 20 -3.10 15.88 -1.94
C ALA A 20 -1.88 16.81 -1.85
N ASN A 21 -1.95 17.99 -2.44
CA ASN A 21 -0.80 18.87 -2.48
C ASN A 21 -0.39 19.38 -1.09
N CYS A 22 -1.36 19.81 -0.28
CA CYS A 22 -1.09 20.23 1.12
C CYS A 22 -0.63 19.06 2.02
N SER A 23 -0.91 17.83 1.62
CA SER A 23 -0.45 16.64 2.36
C SER A 23 0.86 16.09 1.82
N GLY A 24 1.46 16.75 0.83
CA GLY A 24 2.72 16.27 0.24
C GLY A 24 2.52 14.92 -0.44
N LEU A 25 1.49 14.87 -1.29
CA LEU A 25 1.12 13.64 -1.96
C LEU A 25 0.99 13.82 -3.48
N ASP A 26 1.52 12.85 -4.23
CA ASP A 26 1.29 12.74 -5.69
C ASP A 26 -0.01 12.00 -5.93
N LEU A 27 -1.01 12.72 -6.37
CA LEU A 27 -2.31 12.13 -6.63
C LEU A 27 -2.30 11.40 -7.94
N ILE A 28 -3.00 10.27 -7.98
CA ILE A 28 -3.26 9.52 -9.20
C ILE A 28 -4.76 9.44 -9.30
N PHE A 29 -5.32 9.76 -10.46
CA PHE A 29 -6.76 9.79 -10.59
C PHE A 29 -7.20 8.75 -11.59
N GLY A 30 -8.11 7.89 -11.18
CA GLY A 30 -8.70 6.86 -12.06
C GLY A 30 -9.80 7.42 -12.91
N LEU A 31 -9.83 7.07 -14.19
CA LEU A 31 -10.84 7.59 -15.12
C LEU A 31 -11.89 6.53 -15.50
N ASN A 32 -13.08 6.99 -15.87
CA ASN A 32 -14.22 6.10 -16.18
C ASN A 32 -14.03 5.38 -17.51
N ALA A 33 -13.96 4.05 -17.43
CA ALA A 33 -13.66 3.18 -18.56
C ALA A 33 -14.92 2.62 -19.20
N LEU A 34 -16.07 2.81 -18.56
CA LEU A 34 -17.33 2.28 -19.08
C LEU A 34 -18.10 3.22 -19.97
N LEU A 35 -17.58 4.42 -20.20
CA LEU A 35 -18.14 5.32 -21.22
C LEU A 35 -17.66 4.86 -22.57
N ARG A 36 -18.59 4.50 -23.45
CA ARG A 36 -18.19 3.78 -24.66
C ARG A 36 -18.85 4.24 -25.95
N THR A 37 -18.03 4.29 -26.99
CA THR A 37 -18.47 4.57 -28.35
C THR A 37 -19.33 3.42 -28.77
N ALA A 38 -20.30 3.69 -29.65
CA ALA A 38 -21.34 2.73 -30.06
C ALA A 38 -20.82 1.31 -30.36
N ASP A 39 -19.64 1.23 -30.99
CA ASP A 39 -18.99 -0.04 -31.36
C ASP A 39 -18.20 -0.72 -30.21
N LEU A 40 -18.38 -0.22 -28.99
CA LEU A 40 -17.68 -0.69 -27.78
C LEU A 40 -16.26 -0.08 -27.59
N GLN A 41 -15.95 0.95 -28.38
CA GLN A 41 -14.73 1.71 -28.24
C GLN A 41 -14.88 2.77 -27.17
N TRP A 42 -13.80 3.08 -26.42
CA TRP A 42 -13.85 4.07 -25.31
C TRP A 42 -13.99 5.50 -25.81
N ASN A 43 -15.07 6.16 -25.43
CA ASN A 43 -15.28 7.56 -25.75
C ASN A 43 -14.47 8.37 -24.76
N SER A 44 -13.70 9.31 -25.29
CA SER A 44 -12.71 10.04 -24.52
C SER A 44 -13.20 11.42 -24.04
N SER A 45 -14.45 11.77 -24.33
CA SER A 45 -14.94 13.15 -24.20
C SER A 45 -15.03 13.66 -22.76
N ASN A 46 -15.44 12.82 -21.83
CA ASN A 46 -15.59 13.25 -20.44
C ASN A 46 -14.23 13.52 -19.82
N ALA A 47 -13.31 12.59 -20.03
CA ALA A 47 -11.94 12.73 -19.56
C ALA A 47 -11.28 13.95 -20.20
N GLN A 48 -11.44 14.07 -21.52
CA GLN A 48 -10.97 15.24 -22.26
C GLN A 48 -11.38 16.53 -21.56
N LEU A 49 -12.66 16.66 -21.22
CA LEU A 49 -13.14 17.78 -20.43
C LEU A 49 -12.35 17.87 -19.13
N LEU A 50 -12.32 16.79 -18.39
CA LEU A 50 -11.64 16.81 -17.10
C LEU A 50 -10.16 17.11 -17.25
N LEU A 51 -9.54 16.60 -18.30
CA LEU A 51 -8.13 16.85 -18.54
C LEU A 51 -7.90 18.33 -18.79
N ASP A 52 -8.77 18.96 -19.57
CA ASP A 52 -8.66 20.38 -19.89
C ASP A 52 -8.78 21.27 -18.66
N TYR A 53 -9.75 21.02 -17.81
CA TYR A 53 -9.90 21.77 -16.57
C TYR A 53 -8.65 21.69 -15.71
N CYS A 54 -8.15 20.46 -15.54
CA CYS A 54 -6.92 20.22 -14.79
C CYS A 54 -5.72 20.86 -15.46
N SER A 55 -5.71 20.86 -16.79
CA SER A 55 -4.73 21.62 -17.57
C SER A 55 -4.93 23.10 -17.33
N SER A 56 -6.19 23.52 -17.34
CA SER A 56 -6.55 24.91 -17.07
C SER A 56 -6.03 25.37 -15.71
N LYS A 57 -6.13 24.48 -14.70
CA LYS A 57 -5.75 24.78 -13.32
C LYS A 57 -4.27 24.58 -12.95
N GLY A 58 -3.47 24.01 -13.84
CA GLY A 58 -2.06 23.76 -13.57
C GLY A 58 -1.81 22.68 -12.52
N TYR A 59 -2.73 21.70 -12.42
CA TYR A 59 -2.58 20.59 -11.47
C TYR A 59 -1.68 19.49 -12.02
N ASN A 60 -0.63 19.19 -11.29
CA ASN A 60 0.19 18.04 -11.64
C ASN A 60 -0.40 16.78 -11.03
N ILE A 61 -1.02 15.97 -11.88
CA ILE A 61 -1.76 14.78 -11.48
C ILE A 61 -1.43 13.63 -12.43
N SER A 62 -1.59 12.40 -11.94
CA SER A 62 -1.31 11.19 -12.73
C SER A 62 -2.58 10.37 -12.87
N TRP A 63 -2.61 9.42 -13.84
CA TRP A 63 -3.90 8.89 -14.27
C TRP A 63 -3.96 7.39 -14.39
N GLU A 64 -5.13 6.85 -14.11
CA GLU A 64 -5.46 5.47 -14.40
C GLU A 64 -6.74 5.47 -15.24
N LEU A 65 -7.01 4.37 -15.91
CA LEU A 65 -8.22 4.21 -16.68
C LEU A 65 -8.86 2.86 -16.38
N GLY A 66 -10.04 2.89 -15.77
CA GLY A 66 -10.75 1.65 -15.45
C GLY A 66 -10.35 1.09 -14.10
N ASN A 67 -11.21 0.22 -13.58
CA ASN A 67 -10.98 -0.47 -12.33
C ASN A 67 -11.57 -1.85 -12.42
N GLU A 68 -10.79 -2.85 -12.08
CA GLU A 68 -11.25 -4.23 -12.09
C GLU A 68 -12.02 -4.55 -13.39
N PRO A 69 -11.40 -4.25 -14.53
CA PRO A 69 -11.97 -4.47 -15.85
C PRO A 69 -12.31 -5.95 -16.12
N ASN A 70 -11.63 -6.86 -15.43
CA ASN A 70 -12.03 -8.27 -15.41
C ASN A 70 -13.48 -8.49 -14.95
N SER A 71 -14.08 -7.46 -14.34
CA SER A 71 -15.40 -7.57 -13.72
C SER A 71 -16.50 -6.72 -14.35
N PHE A 72 -16.21 -5.99 -15.42
CA PHE A 72 -17.22 -5.16 -16.08
C PHE A 72 -18.55 -5.87 -16.38
N LEU A 73 -18.46 -7.14 -16.75
CA LEU A 73 -19.63 -7.91 -17.19
C LEU A 73 -20.58 -8.19 -16.01
N LYS A 74 -20.05 -8.63 -14.87
CA LYS A 74 -20.89 -8.85 -13.70
C LYS A 74 -21.25 -7.46 -13.16
N LYS A 75 -20.31 -6.55 -13.32
CA LYS A 75 -20.45 -5.23 -12.74
C LYS A 75 -21.27 -4.27 -13.59
N ALA A 76 -21.34 -4.49 -14.91
CA ALA A 76 -22.12 -3.60 -15.81
C ALA A 76 -22.66 -4.24 -17.06
N ASP A 77 -22.52 -5.56 -17.17
CA ASP A 77 -22.96 -6.30 -18.34
C ASP A 77 -22.35 -5.78 -19.65
N ILE A 78 -21.14 -5.23 -19.58
CA ILE A 78 -20.34 -4.90 -20.76
C ILE A 78 -19.01 -5.65 -20.61
N PHE A 79 -18.67 -6.50 -21.60
CA PHE A 79 -17.37 -7.20 -21.62
C PHE A 79 -16.33 -6.51 -22.49
N ILE A 80 -15.20 -6.13 -21.89
CA ILE A 80 -14.09 -5.52 -22.65
C ILE A 80 -12.89 -6.46 -22.55
N ASN A 81 -12.43 -6.99 -23.69
CA ASN A 81 -11.20 -7.78 -23.70
C ASN A 81 -10.01 -6.84 -23.48
N GLY A 82 -8.88 -7.41 -23.06
CA GLY A 82 -7.72 -6.60 -22.77
C GLY A 82 -7.24 -5.81 -23.97
N SER A 83 -7.23 -6.45 -25.13
CA SER A 83 -6.75 -5.82 -26.38
C SER A 83 -7.48 -4.53 -26.54
N GLN A 84 -8.78 -4.60 -26.38
CA GLN A 84 -9.61 -3.45 -26.49
C GLN A 84 -9.25 -2.40 -25.48
N LEU A 85 -9.08 -2.83 -24.24
CA LEU A 85 -8.63 -1.93 -23.22
C LEU A 85 -7.25 -1.40 -23.53
N GLY A 86 -6.44 -2.23 -24.16
CA GLY A 86 -5.09 -1.84 -24.55
C GLY A 86 -5.13 -0.70 -25.56
N GLU A 87 -6.06 -0.77 -26.49
CA GLU A 87 -6.20 0.29 -27.50
C GLU A 87 -6.66 1.56 -26.84
N ASP A 88 -7.60 1.37 -25.92
CA ASP A 88 -8.17 2.46 -25.14
C ASP A 88 -7.06 3.15 -24.33
N PHE A 89 -6.14 2.38 -23.76
CA PHE A 89 -5.03 2.99 -23.01
C PHE A 89 -4.15 3.80 -23.97
N ILE A 90 -3.90 3.27 -25.16
CA ILE A 90 -3.12 4.02 -26.16
C ILE A 90 -3.78 5.38 -26.44
N GLN A 91 -5.10 5.41 -26.46
CA GLN A 91 -5.83 6.64 -26.74
C GLN A 91 -5.65 7.62 -25.60
N LEU A 92 -5.75 7.12 -24.38
CA LEU A 92 -5.56 7.96 -23.22
C LEU A 92 -4.16 8.54 -23.24
N HIS A 93 -3.20 7.70 -23.62
CA HIS A 93 -1.82 8.13 -23.73
C HIS A 93 -1.64 9.25 -24.78
N LYS A 94 -2.29 9.12 -25.95
CA LYS A 94 -2.27 10.20 -26.95
C LYS A 94 -2.66 11.53 -26.31
N LEU A 95 -3.75 11.51 -25.55
CA LEU A 95 -4.33 12.74 -24.97
C LEU A 95 -3.45 13.45 -23.92
N LEU A 96 -2.71 12.70 -23.12
CA LEU A 96 -1.92 13.29 -22.03
C LEU A 96 -0.67 13.93 -22.58
N ARG A 97 -0.13 13.33 -23.66
CA ARG A 97 1.05 13.82 -24.34
C ARG A 97 0.75 15.12 -25.07
N LYS A 98 -0.41 15.18 -25.72
CA LYS A 98 -0.90 16.40 -26.33
C LYS A 98 -1.09 17.54 -25.31
N SER A 99 -1.42 17.21 -24.06
CA SER A 99 -1.72 18.23 -23.05
C SER A 99 -0.48 18.76 -22.28
N THR A 100 -0.72 19.52 -21.20
CA THR A 100 0.24 20.54 -20.69
C THR A 100 1.59 20.09 -20.20
N PHE A 101 1.58 19.09 -19.32
CA PHE A 101 2.84 18.49 -18.89
C PHE A 101 3.26 17.54 -20.00
N LYS A 102 2.51 16.43 -20.13
CA LYS A 102 2.80 15.32 -21.04
C LYS A 102 4.00 14.44 -20.63
N ASN A 103 4.81 14.89 -19.68
CA ASN A 103 5.79 14.00 -19.04
C ASN A 103 5.17 13.44 -17.76
N ALA A 104 3.84 13.47 -17.72
CA ALA A 104 3.04 12.95 -16.62
C ALA A 104 2.69 11.48 -16.85
N LYS A 105 2.46 10.76 -15.75
CA LYS A 105 2.39 9.29 -15.74
C LYS A 105 1.00 8.67 -15.99
N LEU A 106 1.02 7.40 -16.39
CA LEU A 106 -0.18 6.61 -16.58
C LEU A 106 0.06 5.15 -16.15
N TYR A 107 -0.84 4.63 -15.31
CA TYR A 107 -0.77 3.23 -14.81
C TYR A 107 -2.05 2.46 -15.02
N GLY A 108 -1.93 1.14 -15.01
CA GLY A 108 -3.08 0.28 -15.28
C GLY A 108 -2.66 -1.16 -15.41
N PRO A 109 -3.60 -2.09 -15.56
CA PRO A 109 -5.02 -1.83 -15.73
C PRO A 109 -5.91 -2.08 -14.49
N ASP A 110 -5.31 -2.20 -13.31
CA ASP A 110 -6.05 -2.39 -12.04
C ASP A 110 -6.98 -3.60 -12.00
N VAL A 111 -6.60 -4.67 -12.66
CA VAL A 111 -7.32 -5.94 -12.59
C VAL A 111 -7.18 -6.59 -11.22
N GLY A 112 -8.20 -7.33 -10.79
CA GLY A 112 -8.13 -8.04 -9.53
C GLY A 112 -7.06 -9.12 -9.61
N GLN A 113 -6.76 -9.72 -8.46
CA GLN A 113 -5.69 -10.72 -8.34
C GLN A 113 -5.76 -11.94 -9.25
N PRO A 114 -4.59 -12.61 -9.46
CA PRO A 114 -4.45 -13.86 -10.14
C PRO A 114 -5.53 -14.82 -9.88
N ARG A 115 -6.32 -14.87 -10.94
CA ARG A 115 -7.39 -15.73 -11.09
C ARG A 115 -7.10 -16.34 -12.42
N ARG A 116 -7.60 -17.53 -12.65
CA ARG A 116 -7.22 -18.15 -13.90
C ARG A 116 -7.86 -17.32 -15.10
N LYS A 117 -9.05 -16.77 -14.88
CA LYS A 117 -9.65 -15.80 -15.83
C LYS A 117 -8.89 -14.48 -15.93
N THR A 118 -8.47 -13.90 -14.80
CA THR A 118 -7.84 -12.57 -14.83
C THR A 118 -6.44 -12.50 -15.48
N ALA A 119 -5.72 -13.61 -15.48
CA ALA A 119 -4.39 -13.64 -16.11
C ALA A 119 -4.49 -13.43 -17.63
N LYS A 120 -5.44 -14.13 -18.26
CA LYS A 120 -5.73 -13.95 -19.69
C LYS A 120 -5.92 -12.45 -20.02
N MET A 121 -6.78 -11.77 -19.28
CA MET A 121 -7.06 -10.38 -19.55
C MET A 121 -5.82 -9.50 -19.42
N LEU A 122 -5.03 -9.74 -18.38
CA LEU A 122 -3.86 -8.90 -18.15
C LEU A 122 -2.80 -9.12 -19.23
N LYS A 123 -2.60 -10.40 -19.60
CA LYS A 123 -1.65 -10.75 -20.68
C LYS A 123 -2.00 -10.07 -21.98
N SER A 124 -3.27 -10.14 -22.36
CA SER A 124 -3.76 -9.54 -23.61
C SER A 124 -3.65 -8.03 -23.55
N PHE A 125 -3.85 -7.48 -22.36
CA PHE A 125 -3.70 -6.06 -22.18
C PHE A 125 -2.23 -5.62 -22.27
N LEU A 126 -1.31 -6.37 -21.67
CA LEU A 126 0.12 -6.00 -21.72
C LEU A 126 0.70 -6.14 -23.13
N LYS A 127 0.18 -7.07 -23.93
CA LYS A 127 0.57 -7.14 -25.36
C LYS A 127 0.21 -5.85 -26.10
N ALA A 128 -1.06 -5.48 -26.03
CA ALA A 128 -1.57 -4.30 -26.72
C ALA A 128 -1.09 -3.00 -26.07
N GLY A 129 -1.43 -2.83 -24.79
CA GLY A 129 -1.15 -1.58 -24.06
C GLY A 129 0.08 -1.54 -23.15
N GLY A 130 0.87 -2.61 -23.09
CA GLY A 130 2.07 -2.66 -22.22
C GLY A 130 3.06 -1.53 -22.48
N GLU A 131 2.96 -0.96 -23.67
CA GLU A 131 3.88 0.04 -24.15
C GLU A 131 3.72 1.43 -23.51
N VAL A 132 2.48 1.80 -23.17
CA VAL A 132 2.24 3.17 -22.68
C VAL A 132 2.33 3.32 -21.15
N ILE A 133 2.16 2.23 -20.41
CA ILE A 133 2.07 2.29 -18.94
C ILE A 133 3.44 2.48 -18.29
N ASP A 134 3.49 3.26 -17.21
CA ASP A 134 4.73 3.44 -16.42
C ASP A 134 4.85 2.41 -15.27
N SER A 135 3.76 1.71 -14.97
CA SER A 135 3.80 0.64 -13.99
C SER A 135 2.58 -0.23 -14.20
N VAL A 136 2.66 -1.47 -13.73
CA VAL A 136 1.54 -2.40 -13.84
C VAL A 136 0.84 -2.52 -12.49
N THR A 137 -0.48 -2.36 -12.52
CA THR A 137 -1.29 -2.32 -11.29
C THR A 137 -2.20 -3.53 -11.18
N TRP A 138 -2.16 -4.16 -10.02
CA TRP A 138 -3.12 -5.18 -9.65
C TRP A 138 -3.56 -5.01 -8.20
N HIS A 139 -4.63 -5.71 -7.84
CA HIS A 139 -5.24 -5.65 -6.53
C HIS A 139 -5.09 -6.98 -5.82
N HIS A 140 -5.06 -6.95 -4.50
CA HIS A 140 -5.08 -8.16 -3.71
C HIS A 140 -5.80 -7.97 -2.37
N TYR A 141 -6.69 -8.91 -2.01
CA TYR A 141 -7.25 -8.99 -0.61
C TYR A 141 -7.11 -10.42 -0.08
N TYR A 142 -6.95 -10.61 1.23
CA TYR A 142 -6.75 -11.96 1.76
C TYR A 142 -8.07 -12.68 1.94
N LEU A 143 -9.00 -12.01 2.60
CA LEU A 143 -10.32 -12.63 2.87
C LEU A 143 -11.55 -11.84 2.39
N ASN A 144 -12.69 -12.49 2.47
CA ASN A 144 -14.00 -11.92 2.27
C ASN A 144 -14.35 -11.44 3.69
N GLY A 145 -14.73 -10.17 3.82
CA GLY A 145 -14.82 -9.56 5.12
C GLY A 145 -16.02 -10.08 5.86
N ARG A 146 -17.03 -10.52 5.12
CA ARG A 146 -18.31 -10.86 5.72
C ARG A 146 -18.22 -12.12 6.49
N THR A 147 -17.27 -12.97 6.05
CA THR A 147 -17.00 -14.30 6.59
C THR A 147 -15.61 -14.52 7.20
N ALA A 148 -14.70 -13.55 7.05
CA ALA A 148 -13.37 -13.56 7.66
C ALA A 148 -13.46 -13.76 9.19
N THR A 149 -12.62 -14.61 9.79
CA THR A 149 -12.55 -14.76 11.28
C THR A 149 -11.22 -14.28 11.90
N ARG A 150 -11.16 -14.30 13.23
CA ARG A 150 -10.03 -13.78 13.94
C ARG A 150 -8.81 -14.67 13.79
N GLU A 151 -9.01 -15.99 13.63
CA GLU A 151 -7.85 -16.92 13.50
C GLU A 151 -7.17 -16.75 12.14
N ASP A 152 -7.98 -16.46 11.13
CA ASP A 152 -7.48 -16.17 9.79
C ASP A 152 -6.37 -15.12 9.86
N PHE A 153 -6.62 -14.06 10.61
CA PHE A 153 -5.68 -12.93 10.74
C PHE A 153 -4.40 -13.41 11.37
N LEU A 154 -4.46 -14.54 12.08
CA LEU A 154 -3.31 -15.08 12.79
C LEU A 154 -2.76 -16.34 12.16
N ASN A 155 -3.23 -16.68 10.98
CA ASN A 155 -2.92 -17.93 10.30
C ASN A 155 -1.86 -17.67 9.26
N PRO A 156 -0.68 -18.25 9.45
CA PRO A 156 0.42 -18.04 8.53
C PRO A 156 0.15 -18.60 7.18
N ASP A 157 -0.77 -19.57 7.09
CA ASP A 157 -1.16 -20.14 5.78
C ASP A 157 -1.92 -19.09 5.01
N VAL A 158 -2.67 -18.25 5.71
CA VAL A 158 -3.41 -17.20 5.02
C VAL A 158 -2.40 -16.23 4.48
N LEU A 159 -1.46 -15.80 5.32
CA LEU A 159 -0.42 -14.88 4.85
C LEU A 159 0.25 -15.36 3.58
N ASP A 160 0.66 -16.63 3.52
CA ASP A 160 1.50 -17.20 2.44
C ASP A 160 0.84 -17.36 1.08
N ILE A 161 -0.50 -17.43 1.04
CA ILE A 161 -1.24 -17.51 -0.24
C ILE A 161 -0.81 -16.34 -1.10
N PHE A 162 -0.56 -15.18 -0.45
CA PHE A 162 -0.14 -13.93 -1.13
C PHE A 162 1.03 -14.12 -2.12
N ILE A 163 1.99 -14.97 -1.75
CA ILE A 163 3.15 -15.32 -2.57
C ILE A 163 2.79 -15.91 -3.95
N SER A 164 1.80 -16.81 -4.04
CA SER A 164 1.50 -17.38 -5.32
C SER A 164 0.75 -16.39 -6.18
N SER A 165 0.01 -15.49 -5.56
CA SER A 165 -0.57 -14.40 -6.30
C SER A 165 0.56 -13.63 -6.89
N VAL A 166 1.60 -13.35 -6.10
CA VAL A 166 2.67 -12.54 -6.62
C VAL A 166 3.46 -13.27 -7.73
N GLN A 167 3.85 -14.52 -7.46
CA GLN A 167 4.57 -15.33 -8.46
C GLN A 167 3.76 -15.35 -9.79
N LYS A 168 2.43 -15.53 -9.70
CA LYS A 168 1.56 -15.57 -10.90
C LYS A 168 1.51 -14.28 -11.68
N VAL A 169 1.64 -13.14 -11.01
CA VAL A 169 1.61 -11.83 -11.68
C VAL A 169 2.87 -11.61 -12.48
N PHE A 170 4.03 -11.81 -11.82
CA PHE A 170 5.35 -11.73 -12.48
C PHE A 170 5.52 -12.79 -13.56
N GLN A 171 4.77 -13.88 -13.45
CA GLN A 171 4.72 -14.88 -14.48
C GLN A 171 4.10 -14.29 -15.73
N VAL A 172 3.02 -13.56 -15.56
CA VAL A 172 2.37 -12.90 -16.70
C VAL A 172 3.23 -11.77 -17.23
N VAL A 173 3.71 -10.89 -16.34
CA VAL A 173 4.47 -9.70 -16.74
C VAL A 173 5.78 -10.08 -17.45
N GLU A 174 6.49 -11.09 -16.96
CA GLU A 174 7.73 -11.50 -17.63
C GLU A 174 7.45 -12.07 -19.03
N SER A 175 6.27 -12.67 -19.23
CA SER A 175 5.94 -13.17 -20.56
C SER A 175 5.76 -12.02 -21.59
N THR A 176 5.45 -10.80 -21.11
CA THR A 176 5.13 -9.65 -21.99
C THR A 176 6.04 -8.42 -21.85
N ARG A 177 6.18 -7.89 -20.64
CA ARG A 177 6.91 -6.61 -20.47
C ARG A 177 7.94 -6.67 -19.36
N PRO A 178 9.00 -7.46 -19.57
CA PRO A 178 9.99 -7.52 -18.51
C PRO A 178 10.68 -6.16 -18.35
N GLY A 179 11.16 -5.90 -17.14
CA GLY A 179 11.73 -4.60 -16.81
C GLY A 179 10.66 -3.57 -16.51
N LYS A 180 9.41 -3.94 -16.76
CA LYS A 180 8.30 -3.12 -16.38
C LYS A 180 8.10 -3.27 -14.89
N LYS A 181 7.83 -2.13 -14.26
CA LYS A 181 7.65 -2.01 -12.83
C LYS A 181 6.21 -2.40 -12.44
N VAL A 182 6.09 -3.17 -11.34
CA VAL A 182 4.82 -3.71 -10.84
C VAL A 182 4.39 -3.09 -9.51
N TRP A 183 3.13 -2.71 -9.41
CA TRP A 183 2.58 -1.99 -8.26
C TRP A 183 1.37 -2.74 -7.71
N LEU A 184 1.29 -2.90 -6.39
CA LEU A 184 -0.01 -3.28 -5.82
C LEU A 184 -0.92 -2.05 -5.83
N GLY A 185 -1.83 -1.96 -6.82
CA GLY A 185 -2.69 -0.80 -7.02
C GLY A 185 -3.78 -0.50 -5.99
N GLU A 186 -4.44 -1.54 -5.48
CA GLU A 186 -5.48 -1.39 -4.43
C GLU A 186 -5.40 -2.64 -3.63
N THR A 187 -5.16 -2.57 -2.33
CA THR A 187 -4.95 -3.82 -1.60
C THR A 187 -5.27 -3.74 -0.13
N SER A 188 -5.65 -4.88 0.46
CA SER A 188 -6.07 -4.89 1.87
C SER A 188 -6.22 -6.28 2.50
N SER A 189 -6.79 -6.32 3.70
CA SER A 189 -7.06 -7.58 4.37
C SER A 189 -8.29 -8.30 3.79
N ALA A 190 -9.43 -7.66 3.75
CA ALA A 190 -10.66 -8.36 3.50
C ALA A 190 -11.51 -7.51 2.59
N TYR A 191 -12.14 -8.13 1.62
CA TYR A 191 -12.93 -7.36 0.66
C TYR A 191 -14.36 -7.22 1.17
N GLY A 192 -15.14 -6.42 0.47
CA GLY A 192 -16.43 -6.04 1.00
C GLY A 192 -16.25 -5.12 2.19
N GLY A 193 -15.60 -3.98 1.95
CA GLY A 193 -15.38 -2.99 2.98
C GLY A 193 -14.68 -3.39 4.27
N GLY A 194 -14.14 -4.61 4.36
CA GLY A 194 -13.32 -5.03 5.53
C GLY A 194 -14.06 -5.99 6.45
N ALA A 195 -13.31 -6.69 7.30
CA ALA A 195 -13.92 -7.52 8.36
C ALA A 195 -14.16 -6.67 9.57
N PRO A 196 -15.40 -6.64 10.06
CA PRO A 196 -15.80 -5.79 11.15
C PRO A 196 -15.14 -6.20 12.43
N LEU A 197 -14.63 -5.22 13.18
CA LEU A 197 -13.84 -5.45 14.41
C LEU A 197 -12.60 -6.31 14.26
N LEU A 198 -12.04 -6.37 13.05
CA LEU A 198 -10.81 -7.12 12.76
C LEU A 198 -9.88 -6.29 11.85
N SER A 199 -10.43 -5.82 10.74
CA SER A 199 -9.68 -5.02 9.77
C SER A 199 -9.23 -3.67 10.27
N ASP A 200 -9.74 -3.26 11.43
CA ASP A 200 -9.39 -1.98 12.01
C ASP A 200 -8.66 -2.13 13.33
N THR A 201 -8.00 -3.27 13.55
CA THR A 201 -7.40 -3.52 14.83
C THR A 201 -5.88 -3.69 14.75
N PHE A 202 -5.27 -4.01 15.91
CA PHE A 202 -3.89 -4.44 16.03
C PHE A 202 -3.69 -5.71 15.25
N ALA A 203 -4.62 -6.66 15.38
CA ALA A 203 -4.59 -7.91 14.56
C ALA A 203 -4.45 -7.68 13.03
N ALA A 204 -5.02 -6.61 12.48
CA ALA A 204 -4.85 -6.32 11.04
C ALA A 204 -3.38 -6.11 10.65
N GLY A 205 -2.51 -5.84 11.64
CA GLY A 205 -1.12 -5.49 11.39
C GLY A 205 -0.25 -6.66 10.98
N PHE A 206 -0.65 -7.87 11.35
CA PHE A 206 0.05 -9.07 10.91
C PHE A 206 -0.01 -9.22 9.42
N MET A 207 -1.13 -8.80 8.84
CA MET A 207 -1.37 -8.94 7.40
C MET A 207 -0.73 -7.82 6.64
N TRP A 208 -0.91 -6.62 7.12
CA TRP A 208 -0.39 -5.48 6.47
C TRP A 208 1.17 -5.51 6.41
N LEU A 209 1.82 -5.69 7.56
CA LEU A 209 3.29 -5.70 7.65
C LEU A 209 3.91 -6.87 6.86
N ASP A 210 3.21 -7.99 6.80
CA ASP A 210 3.68 -9.11 6.02
C ASP A 210 3.51 -8.83 4.52
N LYS A 211 2.44 -8.13 4.21
CA LYS A 211 2.22 -7.74 2.81
C LYS A 211 3.37 -6.83 2.35
N LEU A 212 3.77 -5.88 3.18
CA LEU A 212 4.89 -4.97 2.81
C LEU A 212 6.22 -5.76 2.77
N GLY A 213 6.44 -6.59 3.79
CA GLY A 213 7.54 -7.56 3.76
C GLY A 213 7.67 -8.35 2.43
N LEU A 214 6.66 -9.18 2.14
CA LEU A 214 6.67 -9.99 0.95
C LEU A 214 6.83 -9.18 -0.35
N SER A 215 6.04 -8.09 -0.49
CA SER A 215 6.11 -7.24 -1.69
C SER A 215 7.49 -6.66 -1.93
N ALA A 216 8.18 -6.22 -0.89
CA ALA A 216 9.47 -5.59 -1.09
C ALA A 216 10.47 -6.63 -1.50
N ARG A 217 10.39 -7.78 -0.84
CA ARG A 217 11.29 -8.88 -1.11
C ARG A 217 11.03 -9.48 -2.50
N MET A 218 9.81 -9.37 -3.02
CA MET A 218 9.48 -9.97 -4.34
C MET A 218 9.39 -9.02 -5.54
N GLY A 219 9.75 -7.76 -5.37
CA GLY A 219 9.95 -6.81 -6.48
C GLY A 219 8.83 -5.82 -6.68
N ILE A 220 7.88 -5.82 -5.75
CA ILE A 220 6.84 -4.80 -5.85
C ILE A 220 7.43 -3.48 -5.37
N GLU A 221 7.37 -2.48 -6.23
CA GLU A 221 7.99 -1.16 -6.02
C GLU A 221 7.06 -0.18 -5.27
N VAL A 222 5.77 -0.45 -5.24
CA VAL A 222 4.81 0.41 -4.52
C VAL A 222 3.62 -0.43 -4.11
N VAL A 223 3.10 -0.15 -2.91
CA VAL A 223 1.96 -0.86 -2.35
C VAL A 223 0.93 0.17 -1.87
N MET A 224 -0.23 0.20 -2.50
CA MET A 224 -1.22 1.22 -2.19
C MET A 224 -2.37 0.68 -1.34
N ARG A 225 -2.40 1.11 -0.07
CA ARG A 225 -3.35 0.64 0.94
C ARG A 225 -4.77 1.21 0.84
N GLN A 226 -5.71 0.29 0.64
CA GLN A 226 -7.13 0.50 0.77
C GLN A 226 -7.50 0.42 2.26
N VAL A 227 -7.85 1.51 2.95
CA VAL A 227 -7.82 2.90 2.50
C VAL A 227 -7.20 3.77 3.58
N PHE A 228 -6.99 5.03 3.27
CA PHE A 228 -6.44 5.96 4.25
C PHE A 228 -7.55 6.40 5.18
N PHE A 229 -8.64 6.84 4.58
CA PHE A 229 -9.77 7.34 5.33
C PHE A 229 -11.02 6.82 4.65
N GLY A 230 -12.00 6.37 5.42
CA GLY A 230 -13.30 5.94 4.84
C GLY A 230 -14.25 5.05 5.60
N ALA A 231 -15.27 4.59 4.86
CA ALA A 231 -16.33 3.72 5.38
C ALA A 231 -15.79 2.38 5.85
N GLY A 232 -14.97 1.77 5.02
CA GLY A 232 -14.47 0.44 5.27
C GLY A 232 -13.66 0.34 6.55
N ASN A 233 -13.87 -0.77 7.26
CA ASN A 233 -13.11 -1.11 8.45
C ASN A 233 -11.61 -1.18 8.21
N TYR A 234 -11.16 -1.16 6.96
CA TYR A 234 -9.73 -1.31 6.67
C TYR A 234 -9.00 0.02 6.54
N HIS A 235 -9.68 1.10 6.95
CA HIS A 235 -9.12 2.43 7.04
C HIS A 235 -7.97 2.54 8.05
N LEU A 236 -6.99 3.37 7.68
CA LEU A 236 -5.88 3.72 8.53
C LEU A 236 -6.25 4.75 9.58
N VAL A 237 -7.29 5.52 9.27
CA VAL A 237 -7.83 6.59 10.11
C VAL A 237 -9.34 6.43 10.19
N ASP A 238 -9.90 6.50 11.39
CA ASP A 238 -11.31 6.12 11.59
C ASP A 238 -12.27 7.25 11.29
N GLU A 239 -13.55 6.98 11.58
CA GLU A 239 -14.66 7.93 11.38
C GLU A 239 -14.44 9.32 12.02
N ASN A 240 -13.84 9.37 13.21
CA ASN A 240 -13.58 10.64 13.91
C ASN A 240 -12.15 11.14 13.67
N PHE A 241 -11.55 10.74 12.56
CA PHE A 241 -10.15 11.09 12.24
C PHE A 241 -9.14 10.59 13.29
N ASP A 242 -9.41 9.45 13.91
CA ASP A 242 -8.42 8.88 14.80
C ASP A 242 -7.55 7.84 14.08
N PRO A 243 -6.24 7.91 14.27
CA PRO A 243 -5.31 6.91 13.74
C PRO A 243 -5.52 5.53 14.32
N LEU A 244 -5.64 4.52 13.44
CA LEU A 244 -5.74 3.15 13.89
C LEU A 244 -4.34 2.50 13.91
N PRO A 245 -4.22 1.35 14.56
CA PRO A 245 -2.89 0.73 14.71
C PRO A 245 -2.10 0.50 13.42
N ASP A 246 -2.81 0.23 12.34
CA ASP A 246 -2.14 0.20 11.05
C ASP A 246 -1.55 1.52 10.68
N TYR A 247 -2.18 2.65 11.06
CA TYR A 247 -1.60 3.98 10.75
C TYR A 247 -0.29 4.20 11.46
N TRP A 248 -0.27 3.84 12.73
CA TRP A 248 0.96 3.92 13.55
C TRP A 248 2.10 2.97 13.06
N LEU A 249 1.71 1.77 12.65
CA LEU A 249 2.61 0.82 12.02
C LEU A 249 3.15 1.40 10.74
N SER A 250 2.25 2.02 9.94
CA SER A 250 2.66 2.54 8.63
C SER A 250 3.64 3.74 8.71
N LEU A 251 3.56 4.48 9.81
CA LEU A 251 4.39 5.66 10.02
C LEU A 251 5.78 5.21 10.30
N LEU A 252 5.80 4.27 11.23
CA LEU A 252 7.00 3.65 11.75
C LEU A 252 7.77 2.99 10.63
N PHE A 253 7.04 2.41 9.68
CA PHE A 253 7.66 1.77 8.57
C PHE A 253 8.34 2.78 7.71
N LYS A 254 7.68 3.88 7.43
CA LYS A 254 8.19 4.89 6.49
C LYS A 254 9.41 5.54 7.03
N LYS A 255 9.40 5.82 8.32
CA LYS A 255 10.53 6.41 8.98
C LYS A 255 11.71 5.47 9.17
N LEU A 256 11.45 4.17 9.31
CA LEU A 256 12.57 3.24 9.62
C LEU A 256 13.15 2.40 8.49
N VAL A 257 12.28 1.92 7.60
CA VAL A 257 12.64 0.98 6.51
C VAL A 257 13.11 1.72 5.24
N GLY A 258 14.24 1.28 4.68
CA GLY A 258 14.75 1.87 3.44
C GLY A 258 14.21 1.31 2.11
N THR A 259 14.67 1.94 1.04
CA THR A 259 14.39 1.52 -0.32
C THR A 259 15.19 0.27 -0.76
N LYS A 260 16.37 0.08 -0.23
CA LYS A 260 17.18 -1.08 -0.60
C LYS A 260 16.82 -2.32 0.18
N VAL A 261 16.35 -3.32 -0.53
CA VAL A 261 15.80 -4.52 0.06
C VAL A 261 16.84 -5.65 0.14
N LEU A 262 16.87 -6.30 1.30
CA LEU A 262 17.76 -7.40 1.56
C LEU A 262 16.92 -8.60 1.98
N MET A 263 17.53 -9.50 2.74
CA MET A 263 16.87 -10.76 3.06
C MET A 263 17.35 -11.20 4.41
N ALA A 264 16.40 -11.68 5.21
CA ALA A 264 16.68 -12.49 6.40
C ALA A 264 15.76 -13.70 6.42
N SER A 265 16.17 -14.73 7.15
CA SER A 265 15.54 -16.05 7.16
C SER A 265 15.87 -16.74 8.48
N VAL A 266 15.07 -17.71 8.87
CA VAL A 266 15.27 -18.34 10.20
C VAL A 266 15.98 -19.70 10.05
N GLN A 267 17.04 -19.93 10.80
CA GLN A 267 17.73 -21.23 10.71
C GLN A 267 16.87 -22.45 11.10
N GLY A 268 15.88 -22.26 11.96
CA GLY A 268 14.92 -23.33 12.28
C GLY A 268 14.24 -23.90 11.03
N SER A 269 13.49 -23.04 10.34
CA SER A 269 12.95 -23.28 8.97
C SER A 269 11.76 -24.23 8.80
N LYS A 270 10.96 -24.44 9.82
CA LYS A 270 9.81 -25.34 9.64
C LYS A 270 8.51 -24.63 9.82
N ARG A 271 8.23 -24.21 11.06
CA ARG A 271 7.01 -23.48 11.35
C ARG A 271 6.98 -22.20 10.54
N ARG A 272 5.77 -21.80 10.18
CA ARG A 272 5.54 -20.72 9.22
C ARG A 272 5.32 -19.37 9.96
N LYS A 273 5.38 -19.45 11.28
CA LYS A 273 4.91 -18.42 12.22
C LYS A 273 5.89 -17.32 12.57
N LEU A 274 7.17 -17.50 12.28
CA LEU A 274 8.17 -16.46 12.54
C LEU A 274 8.74 -15.83 11.25
N ARG A 275 8.17 -14.70 10.85
CA ARG A 275 8.44 -14.07 9.55
C ARG A 275 9.40 -12.93 9.76
N VAL A 276 10.43 -12.86 8.91
CA VAL A 276 11.45 -11.84 9.07
C VAL A 276 11.80 -11.17 7.73
N TYR A 277 12.16 -9.90 7.80
CA TYR A 277 12.45 -9.11 6.62
C TYR A 277 13.62 -8.18 6.93
N LEU A 278 14.34 -7.78 5.88
CA LEU A 278 15.55 -7.00 6.06
C LEU A 278 15.73 -6.03 4.91
N HIS A 279 15.90 -4.74 5.28
CA HIS A 279 16.23 -3.65 4.37
C HIS A 279 17.41 -2.86 4.94
N CYS A 280 18.02 -2.02 4.10
CA CYS A 280 18.86 -0.95 4.54
C CYS A 280 18.03 0.00 5.36
N THR A 281 18.65 0.60 6.36
CA THR A 281 17.97 1.57 7.17
C THR A 281 17.67 2.78 6.32
N ASN A 282 16.43 3.26 6.40
CA ASN A 282 16.04 4.54 5.76
C ASN A 282 16.99 5.66 6.24
N THR A 283 17.92 6.04 5.36
CA THR A 283 18.99 7.01 5.68
C THR A 283 18.49 8.37 6.12
N ASP A 284 17.32 8.72 5.59
CA ASP A 284 16.74 10.04 5.78
C ASP A 284 16.47 10.27 7.27
N ASN A 285 16.24 9.20 8.05
CA ASN A 285 16.00 9.34 9.49
C ASN A 285 17.20 9.95 10.23
N PRO A 286 17.04 11.16 10.82
CA PRO A 286 18.18 11.85 11.45
C PRO A 286 18.96 11.05 12.51
N ARG A 287 18.41 9.97 13.06
CA ARG A 287 19.14 9.18 14.05
C ARG A 287 20.18 8.22 13.50
N TYR A 288 20.15 7.91 12.22
CA TYR A 288 21.02 6.89 11.70
C TYR A 288 21.97 7.38 10.59
N LYS A 289 22.90 6.50 10.29
CA LYS A 289 23.86 6.68 9.21
C LYS A 289 23.50 5.74 8.06
N GLU A 290 24.30 5.76 7.01
CA GLU A 290 24.13 4.77 5.96
C GLU A 290 24.95 3.55 6.40
N GLY A 291 24.55 2.37 5.95
CA GLY A 291 25.25 1.14 6.33
C GLY A 291 24.55 0.40 7.45
N ASP A 292 23.63 1.10 8.15
CA ASP A 292 22.78 0.49 9.17
C ASP A 292 21.69 -0.31 8.51
N LEU A 293 21.19 -1.33 9.22
CA LEU A 293 20.19 -2.26 8.68
C LEU A 293 18.87 -2.16 9.45
N THR A 294 17.73 -2.34 8.78
CA THR A 294 16.40 -2.30 9.47
C THR A 294 15.69 -3.65 9.35
N LEU A 295 15.50 -4.32 10.48
CA LEU A 295 14.94 -5.66 10.53
C LEU A 295 13.54 -5.54 11.07
N TYR A 296 12.58 -6.14 10.37
CA TYR A 296 11.23 -6.28 10.91
C TYR A 296 10.78 -7.69 10.91
N ALA A 297 10.01 -8.00 11.93
CA ALA A 297 9.68 -9.33 12.32
C ALA A 297 8.25 -9.41 12.94
N ILE A 298 7.59 -10.51 12.64
CA ILE A 298 6.27 -10.86 13.09
C ILE A 298 6.37 -12.18 13.89
N ASN A 299 5.67 -12.27 15.02
CA ASN A 299 5.66 -13.54 15.72
C ASN A 299 4.26 -14.01 15.94
N LEU A 300 3.92 -15.10 15.25
CA LEU A 300 2.65 -15.75 15.33
C LEU A 300 2.65 -16.97 16.24
N HIS A 301 3.67 -17.11 17.07
CA HIS A 301 3.66 -18.14 18.11
C HIS A 301 2.93 -17.67 19.31
N ASN A 302 2.39 -18.60 20.08
CA ASN A 302 1.67 -18.26 21.31
C ASN A 302 2.59 -18.13 22.53
N VAL A 303 3.89 -17.99 22.27
CA VAL A 303 4.87 -17.67 23.31
C VAL A 303 5.98 -16.77 22.75
N THR A 304 6.77 -16.17 23.64
CA THR A 304 7.85 -15.26 23.25
C THR A 304 8.96 -16.01 22.54
N LYS A 305 9.52 -15.41 21.49
CA LYS A 305 10.70 -15.96 20.81
C LYS A 305 11.86 -14.96 20.89
N TYR A 306 13.09 -15.46 21.07
CA TYR A 306 14.26 -14.56 21.13
C TYR A 306 15.23 -14.85 19.95
N LEU A 307 15.43 -13.83 19.12
CA LEU A 307 16.21 -13.92 17.88
C LEU A 307 17.69 -13.62 18.15
N ARG A 308 18.58 -14.37 17.53
CA ARG A 308 19.99 -14.02 17.67
C ARG A 308 20.46 -13.42 16.36
N LEU A 309 21.06 -12.25 16.43
CA LEU A 309 21.72 -11.63 15.27
C LEU A 309 22.99 -12.42 14.93
N PRO A 310 23.22 -12.65 13.64
CA PRO A 310 24.35 -13.47 13.21
C PRO A 310 25.68 -12.71 13.19
N TYR A 311 26.79 -13.46 13.25
CA TYR A 311 28.13 -12.93 12.92
C TYR A 311 28.09 -12.23 11.56
N PRO A 312 28.77 -11.10 11.41
CA PRO A 312 29.52 -10.43 12.46
C PRO A 312 28.72 -9.36 13.21
N PHE A 313 27.39 -9.49 13.19
CA PHE A 313 26.47 -8.52 13.78
C PHE A 313 26.07 -8.88 15.21
N SER A 314 26.58 -9.99 15.73
CA SER A 314 26.12 -10.50 17.02
C SER A 314 26.38 -9.55 18.21
N ASN A 315 27.31 -8.61 18.05
CA ASN A 315 27.76 -7.76 19.15
C ASN A 315 27.42 -6.26 18.94
N LYS A 316 26.53 -5.93 18.00
CA LYS A 316 26.14 -4.50 17.75
C LYS A 316 24.92 -3.96 18.58
N GLN A 317 24.85 -2.63 18.72
CA GLN A 317 23.79 -1.96 19.51
C GLN A 317 22.52 -1.76 18.65
N VAL A 318 21.39 -2.11 19.24
CA VAL A 318 20.15 -2.24 18.52
C VAL A 318 19.02 -1.42 19.18
N ASP A 319 18.37 -0.61 18.35
CA ASP A 319 17.17 0.12 18.76
C ASP A 319 15.97 -0.72 18.40
N LYS A 320 15.12 -0.94 19.37
CA LYS A 320 14.01 -1.86 19.19
C LYS A 320 12.74 -1.08 19.18
N TYR A 321 11.91 -1.35 18.20
CA TYR A 321 10.62 -0.68 18.20
C TYR A 321 9.47 -1.67 18.22
N LEU A 322 9.16 -2.18 19.41
CA LEU A 322 8.12 -3.20 19.61
C LEU A 322 6.72 -2.66 19.72
N LEU A 323 5.78 -3.20 18.93
CA LEU A 323 4.37 -2.81 19.05
C LEU A 323 3.52 -3.93 19.62
N ARG A 324 2.65 -3.58 20.57
CA ARG A 324 1.71 -4.51 21.20
C ARG A 324 0.44 -3.77 21.43
N PRO A 325 -0.66 -4.50 21.64
CA PRO A 325 -1.99 -3.87 21.78
C PRO A 325 -2.10 -3.12 23.05
N LEU A 326 -2.92 -2.06 23.08
CA LEU A 326 -3.33 -1.43 24.35
C LEU A 326 -4.63 -2.10 24.74
N GLY A 327 -4.65 -2.66 25.96
CA GLY A 327 -5.79 -3.41 26.48
C GLY A 327 -6.99 -2.50 26.65
N PRO A 328 -8.10 -3.02 27.16
CA PRO A 328 -8.28 -4.41 27.57
C PRO A 328 -8.61 -5.44 26.44
N HIS A 329 -8.81 -4.99 25.21
CA HIS A 329 -9.32 -5.87 24.15
C HIS A 329 -8.22 -6.61 23.40
N GLY A 330 -6.95 -6.32 23.76
CA GLY A 330 -5.83 -7.05 23.22
C GLY A 330 -5.75 -6.97 21.71
N LEU A 331 -5.76 -8.12 21.04
CA LEU A 331 -5.59 -8.11 19.58
C LEU A 331 -6.72 -7.44 18.77
N LEU A 332 -7.91 -7.36 19.35
CA LEU A 332 -9.05 -6.68 18.72
C LEU A 332 -9.09 -5.20 19.09
N SER A 333 -8.05 -4.76 19.80
CA SER A 333 -7.90 -3.39 20.21
C SER A 333 -7.57 -2.46 19.06
N LYS A 334 -8.06 -1.23 19.20
CA LYS A 334 -7.86 -0.12 18.27
C LYS A 334 -6.86 0.92 18.78
N SER A 335 -6.18 0.59 19.89
CA SER A 335 -5.02 1.34 20.38
C SER A 335 -3.83 0.43 20.53
N VAL A 336 -2.65 1.03 20.39
CA VAL A 336 -1.39 0.27 20.29
C VAL A 336 -0.29 1.06 20.99
N GLN A 337 0.57 0.34 21.69
CA GLN A 337 1.70 0.95 22.38
C GLN A 337 3.05 0.54 21.74
N LEU A 338 3.99 1.47 21.79
CA LEU A 338 5.34 1.26 21.30
C LEU A 338 6.32 1.17 22.47
N ASN A 339 7.00 0.05 22.62
CA ASN A 339 7.92 -0.15 23.73
C ASN A 339 7.24 0.19 25.09
N GLY A 340 5.97 -0.18 25.21
CA GLY A 340 5.16 0.08 26.44
C GLY A 340 4.54 1.46 26.60
N LEU A 341 4.64 2.32 25.58
CA LEU A 341 4.08 3.68 25.61
C LEU A 341 2.94 3.83 24.60
N THR A 342 1.74 4.17 25.06
CA THR A 342 0.59 4.29 24.17
C THR A 342 0.91 5.38 23.15
N LEU A 343 0.55 5.15 21.89
CA LEU A 343 0.80 6.11 20.83
C LEU A 343 -0.43 6.93 20.52
N LYS A 344 -0.34 8.24 20.69
CA LYS A 344 -1.45 9.15 20.37
C LYS A 344 -0.90 10.43 19.74
N MET A 345 -1.78 11.14 19.05
CA MET A 345 -1.44 12.47 18.57
C MET A 345 -1.24 13.39 19.77
N VAL A 346 -0.34 14.36 19.62
CA VAL A 346 -0.09 15.35 20.66
C VAL A 346 -1.29 16.30 20.64
N ASP A 347 -1.60 16.79 19.43
CA ASP A 347 -2.83 17.49 19.13
C ASP A 347 -3.08 17.32 17.61
N ASP A 348 -4.09 18.01 17.07
CA ASP A 348 -4.50 17.84 15.67
C ASP A 348 -3.50 18.31 14.59
N GLN A 349 -2.38 18.93 14.97
CA GLN A 349 -1.41 19.39 13.98
C GLN A 349 -0.02 18.69 14.14
N THR A 350 0.07 17.81 15.16
CA THR A 350 1.33 17.38 15.71
C THR A 350 1.35 15.90 16.11
N LEU A 351 2.31 15.20 15.53
CA LEU A 351 2.58 13.81 15.87
C LEU A 351 3.65 13.77 16.94
N PRO A 352 3.54 12.80 17.88
CA PRO A 352 4.55 12.56 18.89
C PRO A 352 5.83 11.96 18.34
N PRO A 353 6.94 12.04 19.10
CA PRO A 353 8.04 11.16 18.84
C PRO A 353 7.68 9.68 18.90
N LEU A 354 8.28 8.91 18.00
CA LEU A 354 8.31 7.48 18.13
C LEU A 354 9.66 7.22 18.72
N MET A 355 9.65 6.75 19.96
CA MET A 355 10.87 6.57 20.69
C MET A 355 11.21 5.10 20.71
N GLU A 356 12.50 4.87 20.56
CA GLU A 356 13.08 3.55 20.56
C GLU A 356 13.42 3.15 21.99
N LYS A 357 13.80 1.89 22.16
CA LYS A 357 14.51 1.47 23.33
C LYS A 357 15.90 1.09 22.84
N PRO A 358 16.96 1.84 23.26
CA PRO A 358 18.30 1.37 22.90
C PRO A 358 18.52 0.08 23.62
N LEU A 359 18.73 -1.01 22.87
CA LEU A 359 19.01 -2.28 23.50
C LEU A 359 20.47 -2.39 23.86
N ARG A 360 20.70 -3.41 24.66
CA ARG A 360 22.01 -3.80 25.02
C ARG A 360 22.72 -4.30 23.75
N PRO A 361 24.06 -4.04 23.65
CA PRO A 361 24.89 -4.58 22.54
C PRO A 361 25.27 -6.04 22.72
N GLY A 362 24.80 -6.92 21.85
CA GLY A 362 24.97 -8.37 22.06
C GLY A 362 23.75 -9.10 22.62
N SER A 363 22.80 -8.36 23.16
CA SER A 363 21.56 -8.98 23.64
C SER A 363 20.75 -9.57 22.49
N SER A 364 20.17 -10.74 22.70
CA SER A 364 19.25 -11.31 21.71
C SER A 364 17.92 -10.51 21.71
N LEU A 365 17.19 -10.66 20.63
CA LEU A 365 16.04 -9.79 20.33
C LEU A 365 14.75 -10.46 20.79
N GLY A 366 14.19 -9.99 21.90
CA GLY A 366 12.94 -10.51 22.42
C GLY A 366 11.75 -10.09 21.57
N LEU A 367 10.97 -11.07 21.13
CA LEU A 367 9.80 -10.81 20.32
C LEU A 367 8.62 -11.60 20.94
N PRO A 368 7.67 -10.90 21.59
CA PRO A 368 6.68 -11.71 22.30
C PRO A 368 5.60 -12.26 21.42
N ALA A 369 4.81 -13.18 21.98
CA ALA A 369 3.70 -13.81 21.25
C ALA A 369 2.81 -12.78 20.59
N PHE A 370 2.36 -13.08 19.36
CA PHE A 370 1.47 -12.20 18.56
C PHE A 370 1.90 -10.72 18.59
N SER A 371 3.13 -10.47 18.23
CA SER A 371 3.62 -9.12 18.20
C SER A 371 4.35 -8.87 16.88
N TYR A 372 4.54 -7.61 16.53
CA TYR A 372 5.49 -7.26 15.49
C TYR A 372 6.41 -6.11 15.94
N SER A 373 7.69 -6.21 15.57
CA SER A 373 8.69 -5.21 15.99
C SER A 373 9.69 -4.89 14.90
N PHE A 374 10.27 -3.68 14.98
CA PHE A 374 11.45 -3.28 14.14
C PHE A 374 12.71 -3.21 14.98
N PHE A 375 13.84 -3.50 14.37
CA PHE A 375 15.15 -3.44 15.02
C PHE A 375 16.11 -2.89 13.98
N VAL A 376 16.71 -1.77 14.38
CA VAL A 376 17.67 -1.07 13.56
C VAL A 376 19.05 -1.39 14.07
N ILE A 377 19.85 -2.06 13.24
CA ILE A 377 21.20 -2.42 13.66
C ILE A 377 22.14 -1.22 13.44
N ARG A 378 22.41 -0.54 14.54
CA ARG A 378 23.26 0.66 14.57
C ARG A 378 24.72 0.25 14.43
N ASN A 379 25.43 0.99 13.58
CA ASN A 379 26.85 0.71 13.27
C ASN A 379 27.08 -0.63 12.55
N ALA A 380 26.19 -0.94 11.61
CA ALA A 380 26.22 -2.19 10.85
C ALA A 380 27.25 -2.18 9.73
N LYS A 381 27.48 -0.99 9.13
CA LYS A 381 28.53 -0.76 8.13
C LYS A 381 28.46 -1.68 6.91
N VAL A 382 27.25 -2.00 6.45
CA VAL A 382 27.05 -2.78 5.23
C VAL A 382 27.27 -1.88 4.00
N ALA A 383 27.93 -2.41 2.98
CA ALA A 383 28.37 -1.64 1.81
C ALA A 383 27.29 -1.35 0.81
N ALA A 384 26.29 -2.26 0.69
CA ALA A 384 25.17 -2.10 -0.26
C ALA A 384 24.27 -0.96 0.16
N CYS A 385 24.26 -0.75 1.47
CA CYS A 385 23.41 0.22 2.12
C CYS A 385 24.18 1.52 2.23
N GLN B 1 12.04 -25.23 21.47
CA GLN B 1 12.77 -24.14 22.18
C GLN B 1 12.67 -22.76 21.48
N ASP B 2 12.86 -21.71 22.27
CA ASP B 2 12.44 -20.36 21.95
C ASP B 2 13.52 -19.45 21.38
N VAL B 3 14.71 -20.00 21.18
CA VAL B 3 15.79 -19.25 20.58
C VAL B 3 15.91 -19.64 19.11
N VAL B 4 15.82 -18.66 18.23
CA VAL B 4 15.97 -18.89 16.80
C VAL B 4 17.08 -18.02 16.27
N ASP B 5 17.95 -18.63 15.47
CA ASP B 5 19.05 -17.91 14.86
C ASP B 5 18.64 -17.45 13.49
N LEU B 6 19.07 -16.25 13.10
CA LEU B 6 18.72 -15.71 11.78
C LEU B 6 19.88 -15.65 10.80
N ASP B 7 19.59 -15.98 9.53
CA ASP B 7 20.51 -15.78 8.39
C ASP B 7 20.21 -14.41 7.77
N PHE B 8 21.24 -13.64 7.36
CA PHE B 8 21.02 -12.36 6.58
C PHE B 8 21.75 -12.34 5.24
N PHE B 9 21.17 -11.65 4.24
CA PHE B 9 21.86 -11.42 2.97
C PHE B 9 22.13 -9.94 2.73
N THR B 10 23.39 -9.54 2.85
CA THR B 10 23.78 -8.14 2.87
C THR B 10 24.83 -7.75 1.81
N GLN B 11 25.03 -8.60 0.81
CA GLN B 11 26.09 -8.39 -0.21
C GLN B 11 25.79 -7.21 -1.13
N GLU B 12 24.59 -7.25 -1.69
CA GLU B 12 24.06 -6.22 -2.56
C GLU B 12 22.54 -6.15 -2.34
N PRO B 13 21.90 -5.04 -2.78
CA PRO B 13 20.47 -4.89 -2.60
C PRO B 13 19.70 -5.71 -3.63
N LEU B 14 18.80 -6.56 -3.15
CA LEU B 14 18.05 -7.46 -4.01
C LEU B 14 16.95 -6.74 -4.79
N HIS B 15 16.37 -5.71 -4.19
CA HIS B 15 15.34 -4.89 -4.83
C HIS B 15 15.43 -3.44 -4.40
N LEU B 16 15.00 -2.56 -5.26
CA LEU B 16 15.00 -1.17 -4.96
C LEU B 16 13.55 -0.71 -5.10
N VAL B 17 12.90 -0.33 -3.98
CA VAL B 17 11.49 0.13 -4.00
C VAL B 17 11.45 1.63 -4.00
N SER B 18 10.26 2.19 -4.25
CA SER B 18 10.10 3.63 -4.36
C SER B 18 10.15 4.25 -2.98
N PRO B 19 10.64 5.50 -2.88
CA PRO B 19 10.52 6.13 -1.56
C PRO B 19 9.03 6.21 -1.18
N SER B 20 8.16 6.15 -2.18
CA SER B 20 6.70 6.09 -1.99
C SER B 20 6.10 4.68 -1.83
N PHE B 21 6.95 3.68 -1.61
CA PHE B 21 6.53 2.28 -1.45
C PHE B 21 5.22 2.07 -0.70
N LEU B 22 5.10 2.67 0.48
CA LEU B 22 3.90 2.55 1.28
C LEU B 22 3.02 3.76 0.92
N SER B 23 1.95 3.47 0.17
CA SER B 23 1.02 4.45 -0.41
C SER B 23 -0.39 4.07 -0.04
N VAL B 24 -1.34 4.94 -0.36
CA VAL B 24 -2.73 4.76 0.11
C VAL B 24 -3.73 5.08 -1.00
N THR B 25 -4.97 4.68 -0.81
CA THR B 25 -6.05 5.05 -1.71
C THR B 25 -7.21 5.73 -0.98
N ILE B 26 -7.92 6.57 -1.72
CA ILE B 26 -9.26 7.01 -1.34
C ILE B 26 -10.24 6.41 -2.37
N ASP B 27 -11.19 5.62 -1.85
CA ASP B 27 -12.19 4.94 -2.68
C ASP B 27 -13.08 5.95 -3.37
N ALA B 28 -13.37 5.66 -4.63
CA ALA B 28 -14.14 6.55 -5.49
C ALA B 28 -15.53 6.78 -4.94
N ASN B 29 -16.06 5.77 -4.23
CA ASN B 29 -17.35 5.84 -3.54
C ASN B 29 -17.45 7.00 -2.52
N LEU B 30 -16.30 7.42 -1.97
CA LEU B 30 -16.27 8.57 -1.06
C LEU B 30 -16.74 9.88 -1.72
N ALA B 31 -16.80 9.90 -3.05
CA ALA B 31 -17.45 11.00 -3.76
C ALA B 31 -18.98 10.87 -3.81
N THR B 32 -19.55 9.73 -3.39
CA THR B 32 -21.02 9.63 -3.31
C THR B 32 -21.53 10.09 -1.93
N ASP B 33 -20.60 10.31 -0.99
CA ASP B 33 -20.88 10.91 0.32
C ASP B 33 -21.25 12.40 0.11
N PRO B 34 -22.20 12.94 0.92
CA PRO B 34 -22.43 14.40 0.93
C PRO B 34 -21.39 15.19 1.73
N ARG B 35 -20.58 14.51 2.54
CA ARG B 35 -19.60 15.15 3.42
C ARG B 35 -18.15 15.17 2.86
N PHE B 36 -17.97 14.86 1.59
CA PHE B 36 -16.64 14.87 0.93
C PHE B 36 -15.86 16.16 1.16
N LEU B 37 -16.54 17.28 0.90
CA LEU B 37 -16.00 18.63 1.13
C LEU B 37 -15.42 18.77 2.54
N ILE B 38 -16.20 18.37 3.53
CA ILE B 38 -15.84 18.54 4.96
C ILE B 38 -14.66 17.66 5.36
N LEU B 39 -14.68 16.41 4.91
CA LEU B 39 -13.77 15.41 5.43
C LEU B 39 -12.34 15.67 4.94
N LEU B 40 -12.17 15.93 3.65
CA LEU B 40 -10.85 16.27 3.12
C LEU B 40 -10.30 17.65 3.55
N GLY B 41 -11.18 18.54 4.00
CA GLY B 41 -10.76 19.84 4.51
C GLY B 41 -10.21 19.76 5.93
N SER B 42 -10.55 18.68 6.64
CA SER B 42 -10.09 18.46 8.01
C SER B 42 -8.57 18.64 8.09
N PRO B 43 -8.12 19.59 8.93
CA PRO B 43 -6.68 19.81 9.20
C PRO B 43 -6.02 18.64 9.93
N LYS B 44 -6.76 17.97 10.82
CA LYS B 44 -6.26 16.77 11.52
C LYS B 44 -5.91 15.66 10.51
N LEU B 45 -6.86 15.30 9.64
CA LEU B 45 -6.61 14.34 8.57
C LEU B 45 -5.41 14.71 7.68
N ARG B 46 -5.28 15.99 7.32
CA ARG B 46 -4.15 16.45 6.49
C ARG B 46 -2.83 16.28 7.22
N THR B 47 -2.87 16.43 8.54
CA THR B 47 -1.68 16.23 9.34
C THR B 47 -1.25 14.78 9.26
N LEU B 48 -2.20 13.87 9.42
CA LEU B 48 -1.90 12.43 9.33
C LEU B 48 -1.31 12.00 7.97
N ALA B 49 -1.91 12.54 6.91
CA ALA B 49 -1.47 12.34 5.53
C ALA B 49 -0.06 12.84 5.24
N ARG B 50 0.30 13.96 5.84
CA ARG B 50 1.66 14.49 5.75
C ARG B 50 2.70 13.64 6.48
N GLY B 51 2.30 12.95 7.53
CA GLY B 51 3.21 12.00 8.18
C GLY B 51 3.46 10.78 7.31
N LEU B 52 2.64 10.60 6.26
CA LEU B 52 2.86 9.52 5.33
C LEU B 52 3.57 9.93 4.02
N SER B 53 3.88 11.21 3.86
CA SER B 53 4.67 11.67 2.72
C SER B 53 6.10 11.13 2.87
N PRO B 54 6.78 10.84 1.74
CA PRO B 54 6.20 10.91 0.39
C PRO B 54 5.43 9.64 0.03
N ALA B 55 4.34 9.81 -0.71
CA ALA B 55 3.49 8.68 -1.11
C ALA B 55 2.54 9.07 -2.21
N TYR B 56 1.97 8.04 -2.85
CA TYR B 56 0.98 8.21 -3.90
C TYR B 56 -0.37 8.09 -3.22
N LEU B 57 -1.32 8.88 -3.70
CA LEU B 57 -2.69 8.81 -3.23
C LEU B 57 -3.46 8.39 -4.45
N ARG B 58 -4.10 7.23 -4.39
CA ARG B 58 -4.84 6.75 -5.56
C ARG B 58 -6.34 6.96 -5.37
N PHE B 59 -6.93 7.81 -6.18
CA PHE B 59 -8.36 7.97 -6.16
C PHE B 59 -8.97 7.14 -7.24
N GLY B 60 -9.58 6.06 -6.83
CA GLY B 60 -10.31 5.19 -7.73
C GLY B 60 -11.00 4.15 -6.92
N GLY B 61 -11.52 3.14 -7.57
CA GLY B 61 -12.29 2.10 -6.87
C GLY B 61 -13.34 1.64 -7.82
N THR B 62 -14.20 0.74 -7.35
CA THR B 62 -15.28 0.27 -8.19
C THR B 62 -16.06 1.43 -8.81
N LYS B 63 -16.27 2.48 -8.01
CA LYS B 63 -17.01 3.66 -8.46
C LYS B 63 -16.32 4.52 -9.55
N THR B 64 -15.04 4.29 -9.84
CA THR B 64 -14.32 4.91 -10.98
C THR B 64 -15.08 4.86 -12.31
N ASP B 65 -15.76 3.75 -12.58
CA ASP B 65 -16.52 3.59 -13.83
C ASP B 65 -17.95 4.13 -13.76
N PHE B 66 -18.24 4.96 -12.76
CA PHE B 66 -19.58 5.54 -12.59
C PHE B 66 -19.58 6.98 -12.13
N LEU B 67 -18.44 7.64 -12.27
CA LEU B 67 -18.37 9.06 -12.02
C LEU B 67 -18.34 9.74 -13.39
N ILE B 68 -19.25 10.70 -13.59
CA ILE B 68 -19.30 11.49 -14.80
C ILE B 68 -18.92 12.90 -14.42
N PHE B 69 -17.91 13.44 -15.09
CA PHE B 69 -17.56 14.84 -14.89
C PHE B 69 -18.66 15.69 -15.52
N ASP B 70 -19.18 16.64 -14.75
CA ASP B 70 -20.12 17.61 -15.25
C ASP B 70 -19.51 18.99 -14.98
N PRO B 71 -19.25 19.75 -16.06
CA PRO B 71 -18.68 21.09 -15.91
C PRO B 71 -19.63 22.10 -15.28
N LYS B 72 -20.94 21.87 -15.38
CA LYS B 72 -21.93 22.78 -14.81
C LYS B 72 -22.40 22.34 -13.42
N LYS B 73 -21.45 21.88 -12.60
CA LYS B 73 -21.73 21.44 -11.22
C LYS B 73 -20.63 21.93 -10.28
N GLU B 74 -21.06 22.43 -9.12
CA GLU B 74 -20.13 22.90 -8.10
C GLU B 74 -20.80 22.87 -6.71
#